data_2XZQ
#
_entry.id   2XZQ
#
_cell.length_a   55.920
_cell.length_b   65.280
_cell.length_c   113.560
_cell.angle_alpha   90.00
_cell.angle_beta   90.19
_cell.angle_gamma   90.00
#
_symmetry.space_group_name_H-M   'C 1 2 1'
#
loop_
_entity.id
_entity.type
_entity.pdbx_description
1 polymer 'ANTI-NP MURINE GERMLINE MONOCLONAL ANTIBODY BBE6.12H3, HEAVY CHAIN'
2 polymer 'ANTI-NP MURINE GERMLINE MONOCLONAL ANTIBODY BBE6.12H3, LIGHT CHAIN'
3 polymer 'PHAGE DISPLAY DERIVED ANTIGEN'
4 non-polymer 'ZINC ION'
5 water water
#
loop_
_entity_poly.entity_id
_entity_poly.type
_entity_poly.pdbx_seq_one_letter_code
_entity_poly.pdbx_strand_id
1 'polypeptide(L)'
;QVQLQQPGAELVKPGASVKLSCKASGYTFTSYWMHWVKQRPGRGLEWIGRIDPNSGGTAYNEKFKSKATLQVDKPSSTAY
MQLSSLTSEDSAVYYCARYDYYGGSYFDYWGQGTTLTVSSAKTTPPSVYPLAPGSAAQTNSMVTLGCLVKGYFPEPVTVV
WNSGSISSGVHTFPAVLQQGLYTLSSSVTVPSSPWPSETVTCNVAHPASSTKVDKAIGPR
;
H
2 'polypeptide(L)'
;QAVVTQESALTTSPGETVTLTCRSSTGAVTTSNYANWVQEKPDHLFTGLIGGTNNRAPGVPARFSGSLIGDKAALTITGG
QTEDEAIYFCALWYSNHWVFGGGTKLTVLGQPKSSPSVTLFPPSSEELETNKATLVCTITDFYPGVVTVDWSGDGTPVEQ
GMETTQPSKQSNNKYMASSYLTLTARAWERHSQYSCQVTHEGHTVEKSLSR
;
L
3 'polypeptide(L)' YQLRPNAETLRF P
#
# COMPACT_ATOMS: atom_id res chain seq x y z
N GLN A 1 -7.74 8.29 22.09
CA GLN A 1 -6.56 9.11 22.47
C GLN A 1 -5.25 8.31 22.62
N VAL A 2 -5.26 7.02 22.33
CA VAL A 2 -4.00 6.24 22.39
C VAL A 2 -3.36 6.54 21.05
N GLN A 3 -2.12 6.99 21.06
CA GLN A 3 -1.48 7.35 19.80
C GLN A 3 -0.01 7.00 19.68
N LEU A 4 0.37 6.54 18.50
CA LEU A 4 1.76 6.19 18.21
C LEU A 4 2.10 6.96 16.95
N GLN A 5 3.15 7.77 17.01
CA GLN A 5 3.52 8.59 15.87
C GLN A 5 4.88 8.24 15.30
N GLN A 6 4.92 7.99 14.00
CA GLN A 6 6.14 7.63 13.29
C GLN A 6 6.38 8.54 12.08
N PRO A 7 7.64 8.97 11.86
CA PRO A 7 7.94 9.83 10.71
C PRO A 7 7.43 9.13 9.45
N GLY A 8 6.99 9.92 8.46
CA GLY A 8 6.47 9.35 7.22
C GLY A 8 7.43 8.59 6.32
N ALA A 9 8.63 9.11 6.11
CA ALA A 9 9.61 8.47 5.25
C ALA A 9 11.04 8.90 5.53
N GLU A 10 11.98 8.04 5.16
CA GLU A 10 13.40 8.31 5.34
C GLU A 10 14.24 7.76 4.19
N LEU A 11 15.13 8.60 3.68
CA LEU A 11 15.99 8.21 2.57
C LEU A 11 17.40 8.01 3.12
N VAL A 12 18.01 6.91 2.73
CA VAL A 12 19.35 6.57 3.16
C VAL A 12 20.09 5.81 2.04
N LYS A 13 21.42 5.80 2.11
CA LYS A 13 22.22 5.11 1.11
C LYS A 13 22.66 3.77 1.68
N PRO A 14 22.92 2.78 0.79
CA PRO A 14 23.35 1.46 1.27
C PRO A 14 24.53 1.60 2.21
N GLY A 15 24.66 0.68 3.17
CA GLY A 15 25.77 0.74 4.09
C GLY A 15 25.58 1.65 5.29
N ALA A 16 24.60 2.54 5.20
CA ALA A 16 24.32 3.45 6.31
C ALA A 16 23.43 2.71 7.31
N SER A 17 22.96 3.45 8.32
CA SER A 17 22.08 2.89 9.34
C SER A 17 21.16 4.01 9.82
N VAL A 18 19.96 3.66 10.28
CA VAL A 18 19.01 4.66 10.74
C VAL A 18 18.44 4.38 12.12
N LYS A 19 17.80 5.39 12.69
CA LYS A 19 17.19 5.27 13.99
C LYS A 19 15.74 5.75 13.85
N LEU A 20 14.82 4.80 13.70
CA LEU A 20 13.40 5.11 13.54
C LEU A 20 12.78 5.42 14.89
N SER A 21 11.83 6.33 14.91
CA SER A 21 11.22 6.72 16.16
C SER A 21 9.72 6.45 16.22
N CYS A 22 9.25 6.21 17.45
CA CYS A 22 7.84 5.95 17.69
C CYS A 22 7.42 6.63 18.99
N LYS A 23 6.78 7.79 18.84
CA LYS A 23 6.30 8.58 19.98
C LYS A 23 4.99 8.01 20.49
N ALA A 24 4.96 7.66 21.77
CA ALA A 24 3.76 7.10 22.39
C ALA A 24 3.07 8.16 23.24
N SER A 25 1.74 8.23 23.15
CA SER A 25 0.99 9.19 23.96
C SER A 25 -0.41 8.65 24.22
N GLY A 26 -1.04 9.13 25.29
CA GLY A 26 -2.38 8.68 25.60
C GLY A 26 -2.51 7.55 26.60
N TYR A 27 -1.37 7.03 27.06
CA TYR A 27 -1.37 5.94 28.03
C TYR A 27 -0.05 5.93 28.79
N THR A 28 0.06 5.06 29.78
CA THR A 28 1.29 4.95 30.55
C THR A 28 2.28 4.11 29.74
N PHE A 29 3.28 4.78 29.17
CA PHE A 29 4.28 4.14 28.35
C PHE A 29 4.85 2.82 28.87
N THR A 30 5.15 2.76 30.16
CA THR A 30 5.75 1.57 30.72
C THR A 30 4.91 0.31 30.96
N SER A 31 3.58 0.41 30.92
CA SER A 31 2.80 -0.79 31.17
C SER A 31 2.36 -1.56 29.93
N TYR A 32 2.99 -1.26 28.80
CA TYR A 32 2.68 -1.93 27.54
C TYR A 32 3.95 -2.22 26.75
N TRP A 33 4.03 -3.43 26.19
CA TRP A 33 5.18 -3.79 25.39
C TRP A 33 5.05 -3.09 24.03
N MET A 34 6.17 -2.92 23.34
CA MET A 34 6.18 -2.26 22.05
C MET A 34 6.83 -3.22 21.07
N HIS A 35 6.18 -3.42 19.92
CA HIS A 35 6.71 -4.32 18.90
C HIS A 35 7.00 -3.55 17.62
N TRP A 36 7.88 -4.11 16.80
CA TRP A 36 8.23 -3.53 15.53
C TRP A 36 8.01 -4.58 14.47
N VAL A 37 7.33 -4.18 13.39
CA VAL A 37 7.02 -5.07 12.29
C VAL A 37 7.46 -4.43 10.97
N LYS A 38 8.02 -5.27 10.10
CA LYS A 38 8.49 -4.83 8.80
C LYS A 38 7.56 -5.29 7.70
N GLN A 39 7.17 -4.36 6.82
CA GLN A 39 6.29 -4.71 5.72
C GLN A 39 6.86 -4.27 4.38
N ARG A 40 6.87 -5.19 3.44
CA ARG A 40 7.34 -4.90 2.10
C ARG A 40 6.15 -5.25 1.22
N PRO A 41 5.26 -4.25 0.95
CA PRO A 41 4.14 -4.65 0.09
C PRO A 41 4.79 -5.48 -1.01
N GLY A 42 4.49 -6.77 -1.00
CA GLY A 42 5.07 -7.71 -1.93
C GLY A 42 4.95 -9.06 -1.25
N ARG A 43 5.66 -9.26 -0.14
CA ARG A 43 5.56 -10.52 0.59
C ARG A 43 5.17 -10.39 2.08
N GLY A 44 4.20 -9.54 2.35
CA GLY A 44 3.69 -9.38 3.71
C GLY A 44 4.48 -8.77 4.86
N LEU A 45 3.99 -9.07 6.05
CA LEU A 45 4.52 -8.58 7.31
C LEU A 45 5.47 -9.55 7.99
N GLU A 46 6.50 -9.00 8.64
CA GLU A 46 7.49 -9.77 9.37
C GLU A 46 7.71 -9.19 10.76
N TRP A 47 7.65 -10.03 11.79
CA TRP A 47 7.86 -9.57 13.15
C TRP A 47 9.35 -9.40 13.44
N ILE A 48 9.76 -8.18 13.78
CA ILE A 48 11.15 -7.88 14.07
C ILE A 48 11.51 -8.28 15.50
N GLY A 49 10.69 -7.84 16.45
CA GLY A 49 10.95 -8.16 17.84
C GLY A 49 10.14 -7.28 18.79
N ARG A 50 10.41 -7.40 20.09
CA ARG A 50 9.70 -6.60 21.07
C ARG A 50 10.58 -6.11 22.22
N ILE A 51 10.19 -4.98 22.80
CA ILE A 51 10.90 -4.42 23.93
C ILE A 51 9.91 -3.98 25.03
N ASP A 52 10.26 -4.30 26.28
CA ASP A 52 9.45 -3.94 27.45
C ASP A 52 10.04 -2.64 27.98
N PRO A 53 9.38 -1.51 27.70
CA PRO A 53 9.85 -0.19 28.15
C PRO A 53 10.08 -0.13 29.66
N ASN A 54 9.31 -0.91 30.40
CA ASN A 54 9.41 -0.90 31.85
C ASN A 54 10.68 -1.55 32.41
N SER A 55 11.07 -2.69 31.86
CA SER A 55 12.26 -3.37 32.36
C SER A 55 13.39 -3.36 31.35
N GLY A 56 13.14 -2.77 30.19
CA GLY A 56 14.15 -2.75 29.14
C GLY A 56 14.18 -4.10 28.48
N GLY A 57 13.41 -5.04 29.03
CA GLY A 57 13.32 -6.39 28.50
C GLY A 57 13.18 -6.43 27.00
N THR A 58 14.03 -7.22 26.37
CA THR A 58 14.09 -7.29 24.93
C THR A 58 13.89 -8.70 24.32
N ALA A 59 13.29 -8.75 23.13
CA ALA A 59 13.05 -10.02 22.43
C ALA A 59 13.13 -9.84 20.92
N TYR A 60 14.12 -10.46 20.27
CA TYR A 60 14.32 -10.32 18.83
C TYR A 60 14.05 -11.57 18.00
N ASN A 61 13.62 -11.35 16.76
CA ASN A 61 13.38 -12.42 15.80
C ASN A 61 14.79 -12.81 15.42
N GLU A 62 15.10 -14.11 15.47
CA GLU A 62 16.44 -14.58 15.13
C GLU A 62 16.96 -13.95 13.84
N LYS A 63 16.08 -13.89 12.85
CA LYS A 63 16.42 -13.34 11.53
C LYS A 63 16.72 -11.82 11.56
N PHE A 64 16.50 -11.17 12.70
CA PHE A 64 16.75 -9.73 12.81
C PHE A 64 17.69 -9.30 13.94
N LYS A 65 18.27 -10.26 14.66
CA LYS A 65 19.15 -9.89 15.76
C LYS A 65 20.43 -9.17 15.41
N SER A 66 20.92 -9.31 14.19
CA SER A 66 22.15 -8.61 13.80
C SER A 66 21.82 -7.37 12.98
N LYS A 67 20.55 -7.23 12.67
CA LYS A 67 20.06 -6.13 11.84
C LYS A 67 19.41 -4.99 12.65
N ALA A 68 18.65 -5.32 13.67
CA ALA A 68 17.96 -4.31 14.45
C ALA A 68 18.35 -4.23 15.91
N THR A 69 18.07 -3.08 16.52
CA THR A 69 18.33 -2.88 17.94
C THR A 69 17.20 -2.01 18.48
N LEU A 70 16.52 -2.51 19.50
CA LEU A 70 15.40 -1.78 20.10
C LEU A 70 15.74 -1.19 21.46
N GLN A 71 15.18 -0.02 21.71
CA GLN A 71 15.34 0.67 22.98
C GLN A 71 14.21 1.68 23.08
N VAL A 72 14.19 2.43 24.16
CA VAL A 72 13.17 3.44 24.38
C VAL A 72 13.76 4.52 25.27
N ASP A 73 13.04 5.62 25.40
CA ASP A 73 13.45 6.71 26.26
C ASP A 73 12.16 7.06 26.98
N LYS A 74 12.07 6.61 28.22
CA LYS A 74 10.89 6.82 29.06
C LYS A 74 10.39 8.26 29.23
N PRO A 75 11.30 9.21 29.53
CA PRO A 75 10.83 10.60 29.70
C PRO A 75 10.07 11.12 28.49
N SER A 76 10.60 10.86 27.30
CA SER A 76 9.94 11.30 26.07
C SER A 76 8.85 10.33 25.60
N SER A 77 8.72 9.18 26.28
CA SER A 77 7.71 8.17 25.91
C SER A 77 7.82 7.75 24.45
N THR A 78 9.03 7.55 23.96
CA THR A 78 9.16 7.14 22.57
C THR A 78 10.08 5.94 22.42
N ALA A 79 9.68 5.03 21.55
CA ALA A 79 10.46 3.82 21.28
C ALA A 79 11.26 4.02 20.00
N TYR A 80 12.46 3.45 20.00
CA TYR A 80 13.37 3.56 18.86
C TYR A 80 13.84 2.20 18.38
N MET A 81 14.16 2.14 17.09
CA MET A 81 14.71 0.94 16.47
C MET A 81 15.73 1.41 15.47
N GLN A 82 16.97 1.03 15.71
CA GLN A 82 18.06 1.37 14.83
C GLN A 82 18.35 0.19 13.91
N LEU A 83 18.46 0.46 12.60
CA LEU A 83 18.78 -0.57 11.61
C LEU A 83 20.17 -0.26 11.07
N SER A 84 21.03 -1.26 11.00
CA SER A 84 22.40 -1.04 10.55
C SER A 84 22.73 -1.74 9.25
N SER A 85 23.93 -1.45 8.73
CA SER A 85 24.41 -2.03 7.47
C SER A 85 23.26 -2.14 6.48
N LEU A 86 22.60 -1.01 6.23
CA LEU A 86 21.46 -0.98 5.33
C LEU A 86 21.74 -1.47 3.90
N THR A 87 20.74 -2.11 3.32
CA THR A 87 20.81 -2.63 1.97
C THR A 87 19.46 -2.38 1.34
N SER A 88 19.35 -2.63 0.03
CA SER A 88 18.09 -2.46 -0.66
C SER A 88 17.02 -3.36 -0.03
N GLU A 89 17.42 -4.56 0.39
CA GLU A 89 16.49 -5.50 1.00
C GLU A 89 15.89 -4.95 2.29
N ASP A 90 16.44 -3.85 2.80
CA ASP A 90 15.92 -3.24 4.04
C ASP A 90 14.85 -2.20 3.73
N SER A 91 14.64 -1.93 2.44
CA SER A 91 13.61 -0.97 2.04
C SER A 91 12.24 -1.54 2.40
N ALA A 92 11.44 -0.76 3.14
CA ALA A 92 10.11 -1.20 3.55
C ALA A 92 9.47 -0.24 4.55
N VAL A 93 8.23 -0.54 4.89
CA VAL A 93 7.52 0.28 5.86
C VAL A 93 7.75 -0.41 7.20
N TYR A 94 8.13 0.38 8.21
CA TYR A 94 8.38 -0.14 9.54
C TYR A 94 7.37 0.43 10.52
N TYR A 95 6.65 -0.48 11.16
CA TYR A 95 5.63 -0.13 12.12
C TYR A 95 6.03 -0.44 13.55
N CYS A 96 5.49 0.35 14.48
CA CYS A 96 5.69 0.07 15.88
C CYS A 96 4.27 -0.23 16.28
N ALA A 97 4.06 -1.30 17.02
CA ALA A 97 2.73 -1.65 17.43
C ALA A 97 2.73 -1.89 18.92
N ARG A 98 1.77 -1.27 19.60
CA ARG A 98 1.65 -1.41 21.05
C ARG A 98 1.11 -2.82 21.34
N TYR A 99 1.58 -3.41 22.42
CA TYR A 99 1.23 -4.78 22.76
C TYR A 99 0.87 -5.03 24.23
N ASP A 100 -0.27 -5.66 24.50
CA ASP A 100 -0.61 -5.95 25.89
C ASP A 100 -0.32 -7.46 26.09
N TYR A 101 0.19 -7.83 27.27
CA TYR A 101 0.70 -9.18 27.56
C TYR A 101 0.21 -10.04 28.74
N TYR A 102 -0.60 -9.44 29.57
CA TYR A 102 -1.14 -9.99 30.81
C TYR A 102 -1.93 -11.30 30.72
N GLY A 103 -3.12 -11.28 31.30
CA GLY A 103 -4.00 -12.42 31.22
C GLY A 103 -4.55 -12.20 29.83
N GLY A 104 -3.90 -11.25 29.13
CA GLY A 104 -4.25 -10.87 27.78
C GLY A 104 -3.39 -11.57 26.73
N SER A 105 -2.74 -10.81 25.83
CA SER A 105 -1.89 -11.34 24.74
C SER A 105 -2.16 -10.68 23.37
N TYR A 106 -2.09 -9.35 23.27
CA TYR A 106 -2.43 -8.63 22.02
C TYR A 106 -1.49 -7.67 21.33
N PHE A 107 -2.06 -7.04 20.31
CA PHE A 107 -1.48 -5.99 19.47
C PHE A 107 -2.69 -5.06 19.36
N ASP A 108 -2.71 -3.90 20.00
CA ASP A 108 -3.88 -3.05 19.83
C ASP A 108 -3.63 -1.90 18.86
N TYR A 109 -2.88 -0.90 19.31
CA TYR A 109 -2.60 0.27 18.49
C TYR A 109 -1.31 0.18 17.69
N TRP A 110 -1.35 0.70 16.48
CA TRP A 110 -0.21 0.72 15.59
C TRP A 110 0.10 2.13 15.11
N GLY A 111 1.38 2.45 14.98
CA GLY A 111 1.74 3.75 14.44
C GLY A 111 1.45 3.56 12.96
N GLN A 112 1.63 4.58 12.13
CA GLN A 112 1.33 4.46 10.70
C GLN A 112 2.49 4.03 9.81
N GLY A 113 3.63 3.72 10.43
CA GLY A 113 4.76 3.24 9.67
C GLY A 113 5.63 4.26 8.96
N THR A 114 6.92 4.02 9.02
CA THR A 114 7.90 4.87 8.38
C THR A 114 8.44 4.08 7.21
N THR A 115 8.23 4.58 5.99
CA THR A 115 8.74 3.84 4.85
C THR A 115 10.18 4.27 4.59
N LEU A 116 11.07 3.30 4.75
CA LEU A 116 12.49 3.50 4.57
C LEU A 116 12.91 3.10 3.16
N THR A 117 13.59 4.01 2.48
CA THR A 117 14.07 3.71 1.14
C THR A 117 15.59 3.71 1.18
N VAL A 118 16.19 2.52 1.00
CA VAL A 118 17.65 2.38 0.98
C VAL A 118 18.08 2.25 -0.49
N SER A 119 18.64 3.32 -1.03
CA SER A 119 19.07 3.34 -2.43
C SER A 119 20.24 4.30 -2.67
N SER A 120 21.15 3.92 -3.55
CA SER A 120 22.30 4.77 -3.87
C SER A 120 22.07 5.52 -5.18
N ALA A 121 20.81 5.62 -5.58
CA ALA A 121 20.44 6.31 -6.79
C ALA A 121 20.56 7.84 -6.63
N LYS A 122 20.85 8.52 -7.74
CA LYS A 122 21.01 9.97 -7.74
C LYS A 122 19.71 10.76 -7.83
N THR A 123 19.68 11.92 -7.19
CA THR A 123 18.50 12.79 -7.24
C THR A 123 18.27 13.08 -8.72
N THR A 124 17.06 12.84 -9.20
CA THR A 124 16.75 13.07 -10.59
C THR A 124 15.44 13.83 -10.71
N PRO A 125 15.47 14.97 -11.39
CA PRO A 125 14.24 15.76 -11.56
C PRO A 125 13.27 15.06 -12.50
N PRO A 126 11.98 15.33 -12.37
CA PRO A 126 11.02 14.67 -13.27
C PRO A 126 10.88 15.36 -14.62
N SER A 127 10.47 14.60 -15.63
CA SER A 127 10.22 15.15 -16.96
C SER A 127 8.71 15.12 -17.01
N VAL A 128 8.10 16.29 -17.18
CA VAL A 128 6.64 16.43 -17.20
C VAL A 128 6.07 16.53 -18.62
N TYR A 129 5.28 15.53 -19.01
CA TYR A 129 4.68 15.49 -20.33
C TYR A 129 3.17 15.61 -20.28
N PRO A 130 2.58 16.33 -21.25
CA PRO A 130 1.14 16.54 -21.32
C PRO A 130 0.41 15.29 -21.83
N LEU A 131 -0.73 14.99 -21.21
CA LEU A 131 -1.53 13.84 -21.63
C LEU A 131 -2.82 14.38 -22.19
N ALA A 132 -2.99 14.23 -23.50
CA ALA A 132 -4.18 14.72 -24.18
C ALA A 132 -4.68 13.67 -25.17
N PRO A 133 -5.96 13.75 -25.54
CA PRO A 133 -6.54 12.80 -26.49
C PRO A 133 -6.54 13.39 -27.90
N GLY A 134 -6.80 12.53 -28.89
CA GLY A 134 -6.84 12.98 -30.27
C GLY A 134 -8.07 12.39 -30.95
N SER A 135 -9.20 12.47 -30.26
CA SER A 135 -10.48 11.95 -30.76
C SER A 135 -10.38 10.51 -31.26
N SER A 141 -17.72 14.47 -16.03
CA SER A 141 -18.32 15.18 -17.15
C SER A 141 -17.90 14.65 -18.53
N MET A 142 -17.01 15.35 -19.25
CA MET A 142 -16.69 14.85 -20.59
C MET A 142 -15.28 14.64 -21.16
N VAL A 143 -14.32 15.50 -20.89
CA VAL A 143 -12.99 15.26 -21.45
C VAL A 143 -11.96 15.10 -20.33
N THR A 144 -11.09 14.10 -20.47
CA THR A 144 -10.09 13.81 -19.45
C THR A 144 -8.67 14.13 -19.85
N LEU A 145 -8.06 15.04 -19.10
CA LEU A 145 -6.69 15.48 -19.35
C LEU A 145 -5.74 14.97 -18.29
N GLY A 146 -4.47 14.83 -18.65
CA GLY A 146 -3.50 14.35 -17.68
C GLY A 146 -2.08 14.90 -17.78
N CYS A 147 -1.27 14.51 -16.81
CA CYS A 147 0.13 14.90 -16.75
C CYS A 147 0.95 13.71 -16.30
N LEU A 148 1.99 13.42 -17.08
CA LEU A 148 2.89 12.32 -16.77
C LEU A 148 4.15 12.85 -16.13
N VAL A 149 4.40 12.41 -14.91
CA VAL A 149 5.59 12.81 -14.17
C VAL A 149 6.49 11.58 -14.29
N LYS A 150 7.40 11.63 -15.26
CA LYS A 150 8.30 10.53 -15.61
C LYS A 150 9.74 10.56 -15.08
N GLY A 151 10.17 9.41 -14.59
CA GLY A 151 11.51 9.22 -14.07
C GLY A 151 12.12 10.19 -13.08
N TYR A 152 11.63 10.21 -11.84
CA TYR A 152 12.20 11.09 -10.82
C TYR A 152 12.69 10.28 -9.62
N PHE A 153 13.50 10.91 -8.77
CA PHE A 153 14.04 10.30 -7.55
C PHE A 153 14.64 11.39 -6.66
N PRO A 154 14.38 11.33 -5.34
CA PRO A 154 13.52 10.32 -4.72
C PRO A 154 12.10 10.83 -4.69
N GLU A 155 11.23 10.09 -4.03
CA GLU A 155 9.86 10.52 -3.89
C GLU A 155 10.00 11.53 -2.76
N PRO A 156 9.02 12.43 -2.59
CA PRO A 156 7.79 12.59 -3.35
C PRO A 156 7.79 13.75 -4.36
N VAL A 157 6.61 13.97 -4.95
CA VAL A 157 6.37 15.06 -5.89
C VAL A 157 4.94 15.50 -5.60
N THR A 158 4.68 16.79 -5.77
CA THR A 158 3.36 17.33 -5.53
C THR A 158 2.75 17.74 -6.85
N VAL A 159 1.54 17.29 -7.13
CA VAL A 159 0.90 17.67 -8.39
C VAL A 159 -0.42 18.37 -8.10
N VAL A 160 -0.54 19.57 -8.66
CA VAL A 160 -1.73 20.39 -8.50
C VAL A 160 -2.20 20.76 -9.90
N TRP A 161 -3.45 21.24 -10.01
CA TRP A 161 -4.01 21.66 -11.29
C TRP A 161 -4.47 23.12 -11.20
N ASN A 162 -3.99 23.93 -12.13
CA ASN A 162 -4.30 25.36 -12.18
C ASN A 162 -4.07 25.98 -10.81
N SER A 163 -2.98 25.56 -10.17
CA SER A 163 -2.59 26.06 -8.85
C SER A 163 -3.50 25.62 -7.71
N GLY A 164 -4.49 24.79 -8.03
CA GLY A 164 -5.41 24.34 -7.00
C GLY A 164 -6.78 24.93 -7.27
N SER A 165 -6.99 25.38 -8.51
CA SER A 165 -8.25 25.98 -8.92
C SER A 165 -9.19 24.84 -9.30
N ILE A 166 -8.62 23.77 -9.84
CA ILE A 166 -9.41 22.60 -10.18
C ILE A 166 -8.98 21.60 -9.13
N SER A 167 -9.93 21.13 -8.33
CA SER A 167 -9.62 20.18 -7.28
C SER A 167 -10.41 18.89 -7.38
N SER A 168 -11.58 18.92 -8.00
CA SER A 168 -12.35 17.69 -8.16
C SER A 168 -12.26 17.23 -9.60
N GLY A 169 -12.38 15.94 -9.81
CA GLY A 169 -12.27 15.41 -11.14
C GLY A 169 -10.83 15.00 -11.31
N VAL A 170 -9.97 15.41 -10.37
CA VAL A 170 -8.57 15.04 -10.48
C VAL A 170 -8.23 13.79 -9.71
N HIS A 171 -7.42 12.97 -10.32
CA HIS A 171 -6.97 11.72 -9.74
C HIS A 171 -5.47 11.67 -9.89
N THR A 172 -4.76 11.72 -8.78
CA THR A 172 -3.32 11.63 -8.83
C THR A 172 -3.04 10.21 -8.32
N PHE A 173 -2.49 9.41 -9.22
CA PHE A 173 -2.20 8.01 -8.95
C PHE A 173 -0.90 7.83 -8.19
N PRO A 174 -0.71 6.66 -7.57
CA PRO A 174 0.55 6.50 -6.85
C PRO A 174 1.68 6.16 -7.83
N ALA A 175 2.91 6.33 -7.39
CA ALA A 175 4.09 6.10 -8.21
C ALA A 175 4.51 4.65 -8.41
N VAL A 176 4.92 4.32 -9.63
CA VAL A 176 5.41 2.97 -9.93
C VAL A 176 6.92 3.18 -9.98
N LEU A 177 7.68 2.12 -9.71
CA LEU A 177 9.11 2.22 -9.71
C LEU A 177 9.78 1.20 -10.60
N GLN A 178 10.37 1.66 -11.68
CA GLN A 178 11.09 0.75 -12.56
C GLN A 178 12.45 1.41 -12.78
N GLN A 179 13.52 0.63 -12.61
CA GLN A 179 14.90 1.09 -12.79
C GLN A 179 15.47 1.94 -11.67
N GLY A 180 14.76 2.07 -10.57
CA GLY A 180 15.27 2.88 -9.48
C GLY A 180 14.93 4.32 -9.78
N LEU A 181 13.84 4.50 -10.52
CA LEU A 181 13.35 5.82 -10.90
C LEU A 181 11.83 5.76 -10.86
N TYR A 182 11.21 6.75 -10.22
CA TYR A 182 9.76 6.81 -10.06
C TYR A 182 9.01 7.51 -11.19
N THR A 183 7.72 7.24 -11.24
CA THR A 183 6.83 7.84 -12.22
C THR A 183 5.40 7.72 -11.72
N LEU A 184 4.61 8.75 -11.98
CA LEU A 184 3.20 8.76 -11.60
C LEU A 184 2.52 9.67 -12.60
N SER A 185 1.21 9.84 -12.46
CA SER A 185 0.50 10.73 -13.35
C SER A 185 -0.74 11.22 -12.64
N SER A 186 -1.22 12.38 -13.07
CA SER A 186 -2.39 12.98 -12.46
C SER A 186 -3.40 13.23 -13.56
N SER A 187 -4.67 12.96 -13.25
CA SER A 187 -5.73 13.16 -14.21
C SER A 187 -6.75 14.15 -13.68
N VAL A 188 -7.42 14.84 -14.59
CA VAL A 188 -8.47 15.77 -14.20
C VAL A 188 -9.50 15.74 -15.31
N THR A 189 -10.75 15.46 -14.95
CA THR A 189 -11.79 15.40 -15.96
C THR A 189 -12.59 16.69 -15.94
N VAL A 190 -12.71 17.34 -17.10
CA VAL A 190 -13.44 18.59 -17.23
C VAL A 190 -14.53 18.47 -18.29
N PRO A 191 -15.51 19.38 -18.27
CA PRO A 191 -16.60 19.37 -19.25
C PRO A 191 -15.99 19.66 -20.60
N SER A 192 -16.54 19.07 -21.66
CA SER A 192 -16.01 19.30 -22.99
C SER A 192 -16.13 20.76 -23.40
N SER A 193 -16.80 21.56 -22.58
CA SER A 193 -16.92 22.97 -22.90
C SER A 193 -15.68 23.78 -22.45
N PRO A 194 -15.33 23.73 -21.14
CA PRO A 194 -14.16 24.48 -20.67
C PRO A 194 -12.88 24.26 -21.48
N TRP A 195 -12.68 23.05 -21.99
CA TRP A 195 -11.49 22.75 -22.76
C TRP A 195 -11.91 22.38 -24.17
N PRO A 196 -11.17 22.84 -25.19
CA PRO A 196 -9.97 23.68 -25.06
C PRO A 196 -10.29 25.17 -24.93
N SER A 197 -11.59 25.48 -24.90
CA SER A 197 -12.06 26.86 -24.79
C SER A 197 -11.21 27.59 -23.74
N GLU A 198 -11.36 27.21 -22.48
CA GLU A 198 -10.55 27.83 -21.44
C GLU A 198 -9.44 26.86 -21.05
N THR A 199 -8.40 27.41 -20.45
CA THR A 199 -7.18 26.72 -20.05
C THR A 199 -7.07 25.78 -18.85
N VAL A 200 -6.32 24.69 -19.03
CA VAL A 200 -6.06 23.72 -17.96
C VAL A 200 -4.54 23.53 -17.86
N THR A 201 -4.02 23.58 -16.64
CA THR A 201 -2.59 23.46 -16.42
C THR A 201 -2.25 22.61 -15.21
N CYS A 202 -1.20 21.78 -15.32
CA CYS A 202 -0.81 20.99 -14.18
C CYS A 202 0.52 21.55 -13.69
N ASN A 203 0.64 21.66 -12.37
CA ASN A 203 1.85 22.20 -11.74
C ASN A 203 2.50 21.06 -10.97
N VAL A 204 3.71 20.70 -11.39
CA VAL A 204 4.41 19.60 -10.76
C VAL A 204 5.62 20.09 -9.98
N ALA A 205 5.69 19.71 -8.70
CA ALA A 205 6.80 20.12 -7.88
C ALA A 205 7.55 18.93 -7.35
N HIS A 206 8.87 19.01 -7.42
CA HIS A 206 9.78 17.95 -6.94
C HIS A 206 10.86 18.67 -6.15
N PRO A 207 10.62 18.94 -4.87
CA PRO A 207 11.57 19.63 -3.97
C PRO A 207 12.98 19.03 -3.94
N ALA A 208 13.06 17.70 -3.90
CA ALA A 208 14.34 17.00 -3.83
C ALA A 208 15.33 17.46 -4.88
N SER A 209 14.83 17.85 -6.05
CA SER A 209 15.72 18.33 -7.11
C SER A 209 15.54 19.83 -7.30
N SER A 210 14.93 20.47 -6.31
CA SER A 210 14.70 21.91 -6.36
C SER A 210 14.16 22.26 -7.73
N THR A 211 13.14 21.52 -8.15
CA THR A 211 12.54 21.72 -9.46
C THR A 211 11.03 21.91 -9.33
N LYS A 212 10.46 22.53 -10.34
CA LYS A 212 9.04 22.82 -10.38
C LYS A 212 8.68 23.09 -11.85
N VAL A 213 7.70 22.37 -12.38
CA VAL A 213 7.30 22.52 -13.78
C VAL A 213 5.81 22.72 -14.00
N ASP A 214 5.45 23.66 -14.86
CA ASP A 214 4.06 23.93 -15.18
C ASP A 214 3.81 23.59 -16.64
N LYS A 215 2.82 22.76 -16.92
CA LYS A 215 2.53 22.38 -18.30
C LYS A 215 1.09 22.67 -18.67
N ALA A 216 0.88 23.51 -19.67
CA ALA A 216 -0.47 23.81 -20.13
C ALA A 216 -0.77 22.64 -21.02
N ILE A 217 -1.95 22.03 -20.86
CA ILE A 217 -2.28 20.89 -21.70
C ILE A 217 -2.87 21.35 -23.03
N GLY A 218 -2.06 21.22 -24.08
CA GLY A 218 -2.46 21.64 -25.41
C GLY A 218 -3.07 20.55 -26.29
N PRO A 219 -4.10 20.92 -27.07
CA PRO A 219 -4.84 20.05 -28.00
C PRO A 219 -4.04 19.16 -28.95
N ARG A 220 -4.48 17.91 -29.00
CA ARG A 220 -3.91 16.87 -29.83
C ARG A 220 -5.16 16.17 -30.38
N GLN B 1 5.94 -17.62 6.97
CA GLN B 1 7.42 -17.49 7.19
C GLN B 1 7.91 -18.71 8.00
N ALA B 2 7.15 -19.06 9.03
CA ALA B 2 7.34 -20.29 9.81
C ALA B 2 6.13 -20.99 9.24
N VAL B 3 5.44 -20.12 8.51
CA VAL B 3 4.21 -20.19 7.66
C VAL B 3 2.76 -20.44 7.99
N VAL B 4 2.16 -19.31 8.28
CA VAL B 4 0.78 -19.12 8.54
C VAL B 4 0.10 -18.75 7.25
N THR B 5 -1.02 -19.41 6.92
CA THR B 5 -1.68 -19.10 5.65
C THR B 5 -3.16 -18.74 5.80
N GLN B 6 -3.63 -17.81 4.96
CA GLN B 6 -5.02 -17.35 5.00
C GLN B 6 -5.67 -17.38 3.63
N GLU B 7 -6.98 -17.18 3.62
CA GLU B 7 -7.71 -17.12 2.36
C GLU B 7 -7.22 -15.85 1.66
N SER B 8 -6.92 -15.97 0.38
CA SER B 8 -6.45 -14.83 -0.38
C SER B 8 -7.43 -13.67 -0.34
N ALA B 9 -8.68 -13.92 -0.69
CA ALA B 9 -9.70 -12.88 -0.69
C ALA B 9 -11.10 -13.48 -0.52
N LEU B 10 -12.00 -12.70 0.06
CA LEU B 10 -13.38 -13.12 0.30
C LEU B 10 -14.31 -11.93 0.13
N THR B 11 -15.57 -12.22 -0.15
CA THR B 11 -16.58 -11.19 -0.37
C THR B 11 -17.87 -11.46 0.39
N THR B 12 -18.37 -10.45 1.09
CA THR B 12 -19.64 -10.58 1.81
C THR B 12 -20.47 -9.33 1.58
N SER B 13 -21.62 -9.25 2.25
CA SER B 13 -22.53 -8.11 2.11
C SER B 13 -22.95 -7.58 3.49
N PRO B 14 -23.30 -6.28 3.57
CA PRO B 14 -23.71 -5.68 4.84
C PRO B 14 -24.76 -6.49 5.57
N GLY B 15 -24.48 -6.81 6.83
CA GLY B 15 -25.41 -7.58 7.65
C GLY B 15 -25.17 -9.07 7.69
N GLU B 16 -24.30 -9.59 6.83
CA GLU B 16 -24.06 -11.02 6.84
C GLU B 16 -22.90 -11.37 7.75
N THR B 17 -22.74 -12.68 7.96
CA THR B 17 -21.67 -13.23 8.76
C THR B 17 -20.63 -13.78 7.79
N VAL B 18 -19.37 -13.49 8.06
CA VAL B 18 -18.28 -14.00 7.23
C VAL B 18 -17.21 -14.47 8.20
N THR B 19 -16.57 -15.57 7.86
CA THR B 19 -15.54 -16.14 8.72
C THR B 19 -14.23 -16.25 7.96
N LEU B 20 -13.15 -15.80 8.59
CA LEU B 20 -11.82 -15.86 8.00
C LEU B 20 -11.05 -16.91 8.77
N THR B 21 -10.20 -17.64 8.07
CA THR B 21 -9.43 -18.69 8.73
C THR B 21 -7.93 -18.49 8.65
N CYS B 22 -7.20 -19.25 9.47
CA CYS B 22 -5.75 -19.13 9.56
C CYS B 22 -5.03 -20.47 9.76
N ARG B 23 -4.21 -20.88 8.80
CA ARG B 23 -3.51 -22.17 8.92
C ARG B 23 -2.06 -22.09 9.37
N SER B 24 -1.68 -23.07 10.17
CA SER B 24 -0.31 -23.21 10.61
C SER B 24 0.16 -24.38 9.79
N SER B 25 1.36 -24.29 9.25
CA SER B 25 1.90 -25.37 8.43
C SER B 25 2.41 -26.51 9.30
N THR B 26 2.74 -26.19 10.55
CA THR B 26 3.28 -27.19 11.45
C THR B 26 2.18 -28.17 11.84
N GLY B 27 0.98 -27.65 12.08
CA GLY B 27 -0.12 -28.51 12.45
C GLY B 27 -1.35 -27.71 12.85
N ALA B 28 -2.13 -28.26 13.76
CA ALA B 28 -3.34 -27.59 14.24
C ALA B 28 -3.04 -26.33 15.03
N VAL B 29 -3.74 -25.25 14.71
CA VAL B 29 -3.55 -24.01 15.46
C VAL B 29 -4.05 -24.31 16.87
N THR B 30 -3.24 -23.94 17.86
CA THR B 30 -3.58 -24.21 19.25
C THR B 30 -3.70 -22.96 20.11
N THR B 31 -4.26 -23.13 21.28
CA THR B 31 -4.41 -22.03 22.22
C THR B 31 -3.03 -21.40 22.53
N SER B 32 -1.99 -22.20 22.39
CA SER B 32 -0.64 -21.74 22.69
C SER B 32 -0.04 -20.94 21.54
N ASN B 33 -0.79 -20.83 20.45
CA ASN B 33 -0.35 -20.04 19.30
C ASN B 33 -0.81 -18.60 19.48
N TYR B 34 -1.62 -18.36 20.51
CA TYR B 34 -2.14 -17.03 20.83
C TYR B 34 -2.53 -16.22 19.60
N ALA B 35 -3.43 -16.79 18.80
CA ALA B 35 -3.87 -16.16 17.57
C ALA B 35 -4.29 -14.70 17.71
N ASN B 36 -3.73 -13.89 16.82
CA ASN B 36 -4.01 -12.47 16.79
C ASN B 36 -4.54 -12.15 15.41
N TRP B 37 -5.52 -11.25 15.37
CA TRP B 37 -6.14 -10.81 14.14
C TRP B 37 -5.96 -9.31 14.10
N VAL B 38 -5.43 -8.82 12.98
CA VAL B 38 -5.17 -7.40 12.78
C VAL B 38 -5.85 -6.90 11.52
N GLN B 39 -6.34 -5.66 11.55
CA GLN B 39 -6.99 -5.07 10.40
C GLN B 39 -6.18 -3.93 9.77
N GLU B 40 -6.10 -3.90 8.45
CA GLU B 40 -5.41 -2.81 7.77
C GLU B 40 -6.37 -2.13 6.78
N LYS B 41 -6.72 -0.88 7.04
CA LYS B 41 -7.58 -0.08 6.18
C LYS B 41 -6.69 0.87 5.36
N PRO B 42 -7.25 1.45 4.28
CA PRO B 42 -6.47 2.36 3.43
C PRO B 42 -5.55 3.36 4.12
N ASP B 43 -4.31 3.38 3.63
CA ASP B 43 -3.24 4.24 4.13
C ASP B 43 -2.67 3.72 5.44
N HIS B 44 -2.18 2.48 5.37
CA HIS B 44 -1.55 1.79 6.49
C HIS B 44 -2.13 2.07 7.85
N LEU B 45 -3.44 1.90 8.00
CA LEU B 45 -4.08 2.11 9.29
C LEU B 45 -4.37 0.72 9.86
N PHE B 46 -3.43 0.23 10.67
CA PHE B 46 -3.53 -1.09 11.31
C PHE B 46 -4.14 -1.04 12.71
N THR B 47 -5.04 -1.98 13.00
CA THR B 47 -5.69 -2.07 14.30
C THR B 47 -5.81 -3.54 14.77
N GLY B 48 -5.38 -3.80 15.99
CA GLY B 48 -5.49 -5.14 16.53
C GLY B 48 -6.95 -5.30 16.90
N LEU B 49 -7.50 -6.49 16.67
CA LEU B 49 -8.91 -6.76 16.98
C LEU B 49 -9.04 -7.89 18.00
N ILE B 50 -8.31 -8.96 17.75
CA ILE B 50 -8.33 -10.15 18.58
C ILE B 50 -6.93 -10.59 18.99
N GLY B 51 -6.83 -11.04 20.23
CA GLY B 51 -5.56 -11.52 20.75
C GLY B 51 -5.80 -12.78 21.56
N GLY B 52 -4.75 -13.58 21.76
CA GLY B 52 -4.91 -14.81 22.52
C GLY B 52 -6.08 -15.66 22.08
N THR B 53 -6.27 -15.78 20.77
CA THR B 53 -7.33 -16.57 20.18
C THR B 53 -8.74 -15.97 20.21
N ASN B 54 -9.20 -15.49 21.36
CA ASN B 54 -10.55 -14.94 21.42
C ASN B 54 -10.75 -13.69 22.26
N ASN B 55 -9.67 -13.07 22.70
CA ASN B 55 -9.79 -11.88 23.52
C ASN B 55 -9.91 -10.62 22.63
N ARG B 56 -11.07 -9.99 22.65
CA ARG B 56 -11.31 -8.79 21.85
C ARG B 56 -10.60 -7.58 22.42
N ALA B 57 -9.77 -6.95 21.58
CA ALA B 57 -9.01 -5.78 21.98
C ALA B 57 -9.94 -4.61 22.30
N PRO B 58 -9.80 -4.02 23.50
CA PRO B 58 -10.60 -2.88 23.94
C PRO B 58 -10.79 -1.85 22.83
N GLY B 59 -12.01 -1.33 22.73
CA GLY B 59 -12.29 -0.35 21.69
C GLY B 59 -12.41 -1.02 20.33
N VAL B 60 -13.01 -2.22 20.31
CA VAL B 60 -13.24 -2.95 19.07
C VAL B 60 -14.72 -3.37 19.03
N PRO B 61 -15.41 -3.16 17.90
CA PRO B 61 -16.82 -3.52 17.77
C PRO B 61 -17.13 -4.96 18.19
N ALA B 62 -18.25 -5.12 18.88
CA ALA B 62 -18.68 -6.42 19.36
C ALA B 62 -18.91 -7.47 18.26
N ARG B 63 -19.09 -7.03 17.02
CA ARG B 63 -19.32 -7.95 15.91
C ARG B 63 -18.10 -8.77 15.52
N PHE B 64 -16.96 -8.50 16.15
CA PHE B 64 -15.71 -9.21 15.87
C PHE B 64 -15.40 -10.24 16.95
N SER B 65 -15.28 -11.51 16.56
CA SER B 65 -14.97 -12.53 17.55
C SER B 65 -13.88 -13.47 17.03
N GLY B 66 -13.20 -14.14 17.94
CA GLY B 66 -12.14 -15.04 17.52
C GLY B 66 -12.34 -16.41 18.11
N SER B 67 -11.82 -17.42 17.44
CA SER B 67 -11.97 -18.79 17.93
C SER B 67 -11.09 -19.74 17.14
N LEU B 68 -11.41 -21.00 17.27
CA LEU B 68 -10.73 -22.06 16.53
C LEU B 68 -11.87 -22.75 15.80
N ILE B 69 -11.56 -23.32 14.64
CA ILE B 69 -12.50 -24.04 13.81
C ILE B 69 -11.61 -25.12 13.20
N GLY B 70 -11.95 -26.38 13.45
CA GLY B 70 -11.13 -27.46 12.92
C GLY B 70 -9.73 -27.21 13.45
N ASP B 71 -8.73 -27.33 12.60
CA ASP B 71 -7.37 -27.11 13.07
C ASP B 71 -6.80 -25.74 12.69
N LYS B 72 -7.68 -24.74 12.64
CA LYS B 72 -7.35 -23.36 12.26
C LYS B 72 -7.91 -22.29 13.23
N ALA B 73 -7.36 -21.08 13.17
CA ALA B 73 -7.84 -19.97 13.98
C ALA B 73 -8.91 -19.29 13.13
N ALA B 74 -9.95 -18.74 13.76
CA ALA B 74 -10.99 -18.09 12.97
C ALA B 74 -11.37 -16.69 13.44
N LEU B 75 -11.65 -15.82 12.48
CA LEU B 75 -12.07 -14.47 12.79
C LEU B 75 -13.46 -14.38 12.22
N THR B 76 -14.44 -14.25 13.11
CA THR B 76 -15.82 -14.17 12.71
C THR B 76 -16.34 -12.73 12.77
N ILE B 77 -16.96 -12.30 11.68
CA ILE B 77 -17.58 -10.99 11.59
C ILE B 77 -19.08 -11.22 11.39
N THR B 78 -19.88 -10.94 12.41
CA THR B 78 -21.33 -11.12 12.29
C THR B 78 -21.91 -9.75 11.93
N GLY B 79 -22.98 -9.74 11.14
CA GLY B 79 -23.56 -8.47 10.74
C GLY B 79 -22.50 -7.53 10.17
N GLY B 80 -21.89 -7.94 9.05
CA GLY B 80 -20.84 -7.15 8.43
C GLY B 80 -21.25 -5.74 8.05
N GLN B 81 -20.32 -4.80 8.15
CA GLN B 81 -20.58 -3.41 7.83
C GLN B 81 -19.75 -2.97 6.63
N THR B 82 -20.17 -1.86 6.00
CA THR B 82 -19.45 -1.32 4.87
C THR B 82 -18.01 -0.98 5.26
N GLU B 83 -17.84 -0.37 6.43
CA GLU B 83 -16.51 -0.01 6.90
C GLU B 83 -15.59 -1.22 7.20
N ASP B 84 -16.13 -2.44 7.16
CA ASP B 84 -15.31 -3.61 7.41
C ASP B 84 -14.53 -4.05 6.18
N GLU B 85 -14.75 -3.34 5.07
CA GLU B 85 -14.02 -3.67 3.85
C GLU B 85 -12.59 -3.24 4.17
N ALA B 86 -11.68 -4.20 4.18
CA ALA B 86 -10.28 -3.96 4.51
C ALA B 86 -9.51 -5.27 4.37
N ILE B 87 -8.24 -5.28 4.78
CA ILE B 87 -7.41 -6.48 4.71
C ILE B 87 -7.17 -7.03 6.11
N TYR B 88 -7.32 -8.34 6.29
CA TYR B 88 -7.14 -8.90 7.63
C TYR B 88 -5.97 -9.84 7.75
N PHE B 89 -5.12 -9.57 8.74
CA PHE B 89 -3.93 -10.36 8.96
C PHE B 89 -4.01 -11.26 10.16
N CYS B 90 -3.52 -12.48 9.97
CA CYS B 90 -3.46 -13.47 11.04
C CYS B 90 -2.02 -13.42 11.56
N ALA B 91 -1.84 -13.75 12.84
CA ALA B 91 -0.51 -13.78 13.45
C ALA B 91 -0.50 -14.85 14.53
N LEU B 92 0.39 -15.82 14.37
CA LEU B 92 0.53 -16.93 15.30
C LEU B 92 1.87 -16.87 16.02
N TRP B 93 1.88 -17.38 17.25
CA TRP B 93 3.10 -17.38 18.04
C TRP B 93 3.72 -18.77 18.02
N TYR B 94 5.01 -18.82 17.68
CA TYR B 94 5.77 -20.05 17.61
C TYR B 94 6.97 -20.07 18.58
N SER B 95 6.68 -20.32 19.85
CA SER B 95 7.66 -20.40 20.93
C SER B 95 8.45 -19.14 21.22
N ASN B 96 9.11 -18.61 20.21
CA ASN B 96 9.93 -17.42 20.39
C ASN B 96 9.73 -16.33 19.34
N HIS B 97 8.70 -16.46 18.50
CA HIS B 97 8.47 -15.44 17.49
C HIS B 97 7.08 -15.45 16.88
N TRP B 98 6.66 -14.29 16.37
CA TRP B 98 5.38 -14.14 15.73
C TRP B 98 5.52 -14.34 14.24
N VAL B 99 4.52 -14.97 13.64
CA VAL B 99 4.52 -15.19 12.21
C VAL B 99 3.15 -14.76 11.70
N PHE B 100 3.17 -13.85 10.74
CA PHE B 100 1.98 -13.32 10.11
C PHE B 100 1.58 -14.11 8.87
N GLY B 101 0.30 -14.04 8.52
CA GLY B 101 -0.19 -14.73 7.34
C GLY B 101 -0.18 -13.69 6.22
N GLY B 102 -0.48 -14.11 5.00
CA GLY B 102 -0.48 -13.17 3.89
C GLY B 102 -1.57 -12.11 3.88
N GLY B 103 -2.60 -12.33 4.68
CA GLY B 103 -3.68 -11.36 4.76
C GLY B 103 -4.83 -11.69 3.82
N THR B 104 -6.04 -11.52 4.31
CA THR B 104 -7.24 -11.79 3.51
C THR B 104 -7.89 -10.47 3.16
N LYS B 105 -8.01 -10.17 1.87
CA LYS B 105 -8.66 -8.94 1.47
C LYS B 105 -10.18 -9.17 1.48
N LEU B 106 -10.85 -8.55 2.44
CA LEU B 106 -12.30 -8.68 2.57
C LEU B 106 -13.07 -7.57 1.90
N THR B 107 -14.02 -7.95 1.07
CA THR B 107 -14.86 -6.99 0.40
C THR B 107 -16.24 -7.02 1.02
N VAL B 108 -16.74 -5.86 1.43
CA VAL B 108 -18.07 -5.79 2.00
C VAL B 108 -18.87 -4.97 0.99
N LEU B 109 -19.67 -5.65 0.18
CA LEU B 109 -20.46 -4.95 -0.81
C LEU B 109 -21.19 -3.92 0.02
N GLY B 110 -20.95 -2.65 -0.24
CA GLY B 110 -21.63 -1.61 0.52
C GLY B 110 -22.22 -0.63 -0.46
N GLN B 111 -21.98 -0.90 -1.73
CA GLN B 111 -22.48 -0.04 -2.78
C GLN B 111 -22.65 -0.88 -4.04
N PRO B 112 -23.26 -0.28 -5.08
CA PRO B 112 -23.51 -0.95 -6.37
C PRO B 112 -22.22 -1.21 -7.13
N LYS B 113 -22.19 -2.28 -7.91
CA LYS B 113 -21.00 -2.56 -8.72
C LYS B 113 -20.89 -1.41 -9.71
N SER B 114 -19.68 -0.87 -9.86
CA SER B 114 -19.46 0.23 -10.78
C SER B 114 -18.39 -0.18 -11.79
N SER B 115 -18.76 -0.19 -13.07
CA SER B 115 -17.84 -0.57 -14.14
C SER B 115 -16.67 0.43 -14.23
N PRO B 116 -15.48 -0.04 -14.65
CA PRO B 116 -14.33 0.84 -14.76
C PRO B 116 -14.37 1.88 -15.89
N SER B 117 -13.82 3.06 -15.60
CA SER B 117 -13.75 4.14 -16.58
C SER B 117 -12.29 4.11 -17.03
N VAL B 118 -12.07 3.75 -18.29
CA VAL B 118 -10.74 3.61 -18.87
C VAL B 118 -10.36 4.70 -19.87
N THR B 119 -9.15 5.22 -19.74
CA THR B 119 -8.66 6.25 -20.65
C THR B 119 -7.26 5.89 -21.15
N LEU B 120 -7.07 5.86 -22.46
CA LEU B 120 -5.76 5.54 -23.00
C LEU B 120 -5.14 6.79 -23.56
N PHE B 121 -3.93 7.10 -23.10
CA PHE B 121 -3.21 8.26 -23.55
C PHE B 121 -2.03 7.85 -24.43
N PRO B 122 -1.83 8.56 -25.56
CA PRO B 122 -0.74 8.29 -26.49
C PRO B 122 0.53 8.99 -25.96
N PRO B 123 1.71 8.62 -26.49
CA PRO B 123 2.90 9.31 -25.98
C PRO B 123 2.93 10.75 -26.48
N SER B 124 3.44 11.66 -25.66
CA SER B 124 3.53 13.06 -26.05
C SER B 124 4.73 13.21 -26.99
N SER B 125 4.61 14.07 -27.99
CA SER B 125 5.71 14.26 -28.94
C SER B 125 6.90 14.86 -28.22
N GLU B 126 6.64 15.45 -27.05
CA GLU B 126 7.71 16.00 -26.25
C GLU B 126 8.56 14.84 -25.76
N GLU B 127 7.92 13.78 -25.31
CA GLU B 127 8.66 12.62 -24.85
C GLU B 127 9.22 11.89 -26.06
N LEU B 128 8.48 11.89 -27.17
CA LEU B 128 8.94 11.23 -28.40
C LEU B 128 10.22 11.87 -28.94
N GLU B 129 10.44 13.15 -28.67
CA GLU B 129 11.63 13.87 -29.12
C GLU B 129 12.87 13.30 -28.43
N THR B 130 12.71 12.88 -27.18
CA THR B 130 13.80 12.18 -26.49
C THR B 130 13.35 10.89 -27.14
N ASN B 131 14.20 9.92 -27.42
CA ASN B 131 13.59 8.78 -28.10
C ASN B 131 12.97 7.74 -27.19
N LYS B 132 11.77 8.07 -26.71
CA LYS B 132 10.98 7.22 -25.81
C LYS B 132 9.49 7.43 -25.98
N ALA B 133 8.72 6.35 -25.78
CA ALA B 133 7.28 6.40 -25.91
C ALA B 133 6.61 5.76 -24.69
N THR B 134 5.74 6.50 -24.03
CA THR B 134 5.04 5.97 -22.86
C THR B 134 3.53 6.04 -23.03
N LEU B 135 2.87 4.89 -22.95
CA LEU B 135 1.42 4.82 -23.07
C LEU B 135 0.87 4.85 -21.66
N VAL B 136 -0.11 5.70 -21.40
CA VAL B 136 -0.69 5.79 -20.07
C VAL B 136 -2.16 5.39 -20.12
N CYS B 137 -2.54 4.49 -19.22
CA CYS B 137 -3.90 4.00 -19.15
C CYS B 137 -4.45 4.17 -17.73
N THR B 138 -5.40 5.07 -17.59
CA THR B 138 -5.99 5.32 -16.27
C THR B 138 -7.32 4.60 -16.18
N ILE B 139 -7.52 3.94 -15.03
CA ILE B 139 -8.72 3.18 -14.75
C ILE B 139 -9.32 3.67 -13.45
N THR B 140 -10.52 4.26 -13.50
CA THR B 140 -11.18 4.76 -12.28
C THR B 140 -12.64 4.38 -12.12
N ASP B 141 -13.19 4.73 -10.97
CA ASP B 141 -14.60 4.51 -10.64
C ASP B 141 -15.10 3.07 -10.66
N PHE B 142 -14.24 2.10 -10.37
CA PHE B 142 -14.72 0.74 -10.36
C PHE B 142 -14.93 0.16 -8.94
N TYR B 143 -15.90 -0.71 -8.81
CA TYR B 143 -16.18 -1.33 -7.52
C TYR B 143 -16.86 -2.69 -7.74
N PRO B 144 -16.37 -3.74 -7.05
CA PRO B 144 -15.25 -3.86 -6.11
C PRO B 144 -13.91 -3.40 -6.66
N GLY B 145 -12.88 -3.43 -5.81
CA GLY B 145 -11.56 -2.98 -6.20
C GLY B 145 -10.60 -3.92 -6.90
N VAL B 146 -11.12 -4.88 -7.67
CA VAL B 146 -10.22 -5.79 -8.37
C VAL B 146 -10.39 -5.68 -9.90
N VAL B 147 -9.27 -5.46 -10.59
CA VAL B 147 -9.25 -5.38 -12.04
C VAL B 147 -7.96 -6.01 -12.55
N THR B 148 -8.02 -6.54 -13.76
CA THR B 148 -6.85 -7.13 -14.38
C THR B 148 -6.57 -6.25 -15.59
N VAL B 149 -5.42 -5.59 -15.58
CA VAL B 149 -5.03 -4.70 -16.68
C VAL B 149 -3.99 -5.36 -17.58
N ASP B 150 -4.35 -5.55 -18.85
CA ASP B 150 -3.43 -6.16 -19.82
C ASP B 150 -3.08 -5.19 -20.92
N TRP B 151 -1.93 -5.45 -21.56
CA TRP B 151 -1.47 -4.62 -22.66
C TRP B 151 -1.37 -5.47 -23.89
N SER B 152 -1.61 -4.84 -25.03
CA SER B 152 -1.54 -5.52 -26.30
C SER B 152 -0.84 -4.61 -27.30
N GLY B 153 -0.08 -5.22 -28.19
CA GLY B 153 0.61 -4.49 -29.23
C GLY B 153 0.27 -5.36 -30.40
N ASP B 154 -0.44 -4.82 -31.39
CA ASP B 154 -0.85 -5.61 -32.55
C ASP B 154 -1.52 -6.89 -32.06
N GLY B 155 -2.59 -6.74 -31.29
CA GLY B 155 -3.32 -7.88 -30.78
C GLY B 155 -2.51 -8.94 -30.04
N THR B 156 -1.30 -8.58 -29.63
CA THR B 156 -0.40 -9.50 -28.95
C THR B 156 -0.13 -9.04 -27.51
N PRO B 157 -0.24 -9.96 -26.53
CA PRO B 157 0.00 -9.66 -25.12
C PRO B 157 1.42 -9.18 -24.83
N VAL B 158 1.56 -8.21 -23.92
CA VAL B 158 2.88 -7.69 -23.58
C VAL B 158 3.19 -7.78 -22.09
N GLU B 159 4.37 -8.32 -21.78
CA GLU B 159 4.79 -8.52 -20.39
C GLU B 159 5.84 -7.52 -19.91
N GLN B 160 6.87 -7.28 -20.73
CA GLN B 160 7.94 -6.37 -20.34
C GLN B 160 7.72 -4.89 -20.65
N GLY B 161 8.31 -4.03 -19.81
CA GLY B 161 8.17 -2.61 -19.97
C GLY B 161 6.75 -2.21 -19.63
N MET B 162 6.26 -2.71 -18.50
CA MET B 162 4.90 -2.43 -18.08
C MET B 162 4.78 -2.52 -16.57
N GLU B 163 4.27 -1.46 -15.95
CA GLU B 163 4.09 -1.44 -14.50
C GLU B 163 2.65 -0.97 -14.24
N THR B 164 2.01 -1.57 -13.24
CA THR B 164 0.64 -1.23 -12.89
C THR B 164 0.52 -0.92 -11.40
N THR B 165 -0.22 0.12 -11.05
CA THR B 165 -0.37 0.45 -9.64
C THR B 165 -1.46 -0.41 -9.03
N GLN B 166 -1.31 -0.77 -7.76
CA GLN B 166 -2.32 -1.57 -7.10
C GLN B 166 -3.52 -0.65 -6.89
N PRO B 167 -4.74 -1.16 -7.10
CA PRO B 167 -5.97 -0.37 -6.93
C PRO B 167 -5.91 0.62 -5.76
N SER B 168 -6.48 1.80 -5.96
CA SER B 168 -6.51 2.85 -4.94
C SER B 168 -7.94 3.29 -4.65
N LYS B 169 -8.22 3.58 -3.39
CA LYS B 169 -9.55 4.04 -2.99
C LYS B 169 -9.78 5.52 -3.31
N GLN B 170 -10.84 5.81 -4.04
CA GLN B 170 -11.17 7.19 -4.36
C GLN B 170 -11.98 7.81 -3.22
N SER B 171 -12.22 9.12 -3.29
CA SER B 171 -12.99 9.82 -2.25
C SER B 171 -14.38 9.20 -2.18
N ASN B 172 -14.98 8.95 -3.34
CA ASN B 172 -16.30 8.36 -3.39
C ASN B 172 -16.32 6.87 -3.06
N ASN B 173 -15.23 6.40 -2.43
CA ASN B 173 -15.09 5.00 -2.02
C ASN B 173 -15.00 3.95 -3.11
N LYS B 174 -14.96 4.38 -4.38
CA LYS B 174 -14.79 3.44 -5.46
C LYS B 174 -13.27 3.32 -5.59
N TYR B 175 -12.80 2.47 -6.48
CA TYR B 175 -11.35 2.29 -6.65
C TYR B 175 -10.80 2.84 -7.96
N MET B 176 -9.48 2.99 -8.02
CA MET B 176 -8.82 3.50 -9.22
C MET B 176 -7.43 2.87 -9.31
N ALA B 177 -6.85 2.95 -10.51
CA ALA B 177 -5.53 2.40 -10.74
C ALA B 177 -4.99 2.93 -12.06
N SER B 178 -3.71 2.69 -12.32
CA SER B 178 -3.09 3.16 -13.55
C SER B 178 -2.04 2.17 -14.05
N SER B 179 -1.83 2.15 -15.36
CA SER B 179 -0.84 1.26 -15.94
C SER B 179 0.00 1.99 -16.97
N TYR B 180 1.27 1.61 -17.05
CA TYR B 180 2.22 2.23 -17.96
C TYR B 180 2.95 1.21 -18.80
N LEU B 181 3.11 1.53 -20.08
CA LEU B 181 3.83 0.70 -21.01
C LEU B 181 4.90 1.61 -21.64
N THR B 182 6.16 1.33 -21.35
CA THR B 182 7.26 2.13 -21.86
C THR B 182 7.96 1.47 -23.04
N LEU B 183 8.13 2.22 -24.12
CA LEU B 183 8.77 1.72 -25.32
C LEU B 183 9.84 2.69 -25.79
N THR B 184 10.67 2.25 -26.72
CA THR B 184 11.69 3.11 -27.28
C THR B 184 10.93 3.78 -28.43
N ALA B 185 11.32 4.98 -28.83
CA ALA B 185 10.63 5.66 -29.92
C ALA B 185 10.64 4.77 -31.16
N ARG B 186 11.77 4.12 -31.41
CA ARG B 186 11.89 3.25 -32.57
C ARG B 186 10.99 2.02 -32.51
N ALA B 187 10.79 1.46 -31.32
CA ALA B 187 9.94 0.29 -31.16
C ALA B 187 8.47 0.66 -31.29
N TRP B 188 8.16 1.94 -31.09
CA TRP B 188 6.81 2.45 -31.17
C TRP B 188 6.48 2.87 -32.61
N GLU B 189 7.50 3.08 -33.41
CA GLU B 189 7.33 3.48 -34.80
C GLU B 189 6.99 2.29 -35.69
N ARG B 190 7.34 1.09 -35.26
CA ARG B 190 7.06 -0.10 -36.07
C ARG B 190 5.75 -0.83 -35.80
N HIS B 191 5.13 -0.60 -34.65
CA HIS B 191 3.86 -1.26 -34.36
C HIS B 191 2.70 -0.27 -34.53
N SER B 192 1.52 -0.78 -34.87
CA SER B 192 0.36 0.08 -35.11
C SER B 192 -0.79 0.04 -34.08
N GLN B 193 -1.13 -1.14 -33.58
CA GLN B 193 -2.21 -1.28 -32.61
C GLN B 193 -1.67 -1.30 -31.19
N TYR B 194 -2.24 -0.46 -30.33
CA TYR B 194 -1.84 -0.41 -28.94
C TYR B 194 -3.13 -0.37 -28.14
N SER B 195 -3.27 -1.28 -27.20
CA SER B 195 -4.50 -1.30 -26.42
C SER B 195 -4.29 -1.72 -24.99
N CYS B 196 -5.06 -1.08 -24.12
CA CYS B 196 -5.04 -1.35 -22.70
C CYS B 196 -6.34 -2.10 -22.42
N GLN B 197 -6.22 -3.34 -21.99
CA GLN B 197 -7.40 -4.15 -21.71
C GLN B 197 -7.66 -4.34 -20.22
N VAL B 198 -8.84 -3.94 -19.78
CA VAL B 198 -9.21 -4.05 -18.38
C VAL B 198 -10.37 -5.01 -18.10
N THR B 199 -10.08 -6.07 -17.35
CA THR B 199 -11.07 -7.06 -16.99
C THR B 199 -11.56 -6.76 -15.57
N HIS B 200 -12.89 -6.63 -15.44
CA HIS B 200 -13.50 -6.32 -14.15
C HIS B 200 -14.78 -7.12 -13.92
N GLU B 201 -14.78 -7.92 -12.86
CA GLU B 201 -15.93 -8.72 -12.49
C GLU B 201 -16.49 -9.58 -13.62
N GLY B 202 -15.59 -10.22 -14.37
CA GLY B 202 -16.01 -11.08 -15.45
C GLY B 202 -16.39 -10.35 -16.72
N HIS B 203 -16.10 -9.05 -16.78
CA HIS B 203 -16.40 -8.27 -17.97
C HIS B 203 -15.13 -7.58 -18.44
N THR B 204 -14.82 -7.74 -19.72
CA THR B 204 -13.61 -7.16 -20.28
C THR B 204 -13.90 -5.91 -21.11
N VAL B 205 -12.97 -4.96 -21.07
CA VAL B 205 -13.10 -3.70 -21.80
C VAL B 205 -11.74 -3.27 -22.34
N GLU B 206 -11.75 -2.63 -23.51
CA GLU B 206 -10.52 -2.17 -24.15
C GLU B 206 -10.60 -0.70 -24.58
N LYS B 207 -9.43 -0.09 -24.71
CA LYS B 207 -9.27 1.28 -25.17
C LYS B 207 -8.03 1.19 -26.06
N SER B 208 -8.22 1.48 -27.34
CA SER B 208 -7.15 1.32 -28.30
C SER B 208 -6.78 2.57 -29.08
N LEU B 209 -5.60 2.49 -29.69
CA LEU B 209 -5.12 3.57 -30.52
C LEU B 209 -4.16 3.01 -31.57
N SER B 210 -4.26 3.56 -32.77
CA SER B 210 -3.44 3.15 -33.90
C SER B 210 -2.60 4.37 -34.29
N ARG B 211 -1.28 4.28 -34.09
CA ARG B 211 -0.40 5.38 -34.46
C ARG B 211 -0.52 5.59 -35.96
N TYR C 1 6.82 -25.49 13.84
CA TYR C 1 7.10 -26.61 14.79
C TYR C 1 7.30 -25.97 16.16
N GLN C 2 7.64 -24.69 16.13
CA GLN C 2 7.90 -23.86 17.31
C GLN C 2 6.72 -23.84 18.34
N LEU C 3 5.83 -22.84 18.33
CA LEU C 3 4.61 -22.79 19.21
C LEU C 3 4.34 -21.99 20.54
N ARG C 4 3.88 -22.74 21.55
CA ARG C 4 3.56 -22.34 22.95
C ARG C 4 3.69 -20.91 23.50
N PRO C 5 3.86 -20.75 24.84
CA PRO C 5 4.01 -19.44 25.47
C PRO C 5 5.51 -19.28 25.80
N ASN C 6 5.79 -19.14 27.10
CA ASN C 6 7.14 -19.01 27.69
C ASN C 6 7.27 -17.79 28.61
N ALA C 7 8.50 -17.30 28.77
CA ALA C 7 8.76 -16.13 29.60
C ALA C 7 9.13 -14.97 28.68
N GLU C 8 8.89 -15.18 27.39
CA GLU C 8 9.18 -14.18 26.36
C GLU C 8 7.85 -13.86 25.66
N THR C 9 7.14 -14.92 25.25
CA THR C 9 5.83 -14.86 24.56
C THR C 9 5.51 -13.64 23.70
#